data_3POJ
#
_entry.id   3POJ
#
_cell.length_a   100.480
_cell.length_b   100.480
_cell.length_c   100.480
_cell.angle_alpha   90.00
_cell.angle_beta   90.00
_cell.angle_gamma   90.00
#
_symmetry.space_group_name_H-M   'P 21 3'
#
loop_
_entity.id
_entity.type
_entity.pdbx_description
1 polymer 'Mannan-binding lectin serine protease 1'
2 non-polymer 'CALCIUM ION'
3 non-polymer ETHANAMINE
4 non-polymer 'SULFATE ION'
5 non-polymer 2-AMINO-2-HYDROXYMETHYL-PROPANE-1,3-DIOL
6 water water
#
_entity_poly.entity_id   1
_entity_poly.type   'polypeptide(L)'
_entity_poly.pdbx_seq_one_letter_code
;MVECSGNLFTQRTGTITSPDYPNPYPKSSECSYTIDLEEGFMVTLQFEDIFDIEDHPEVPCPYDYIKIKAGSKVWGPFCG
EKSPEPISTQSHSIQILFRSDNSGENRGWRLSYRA
;
_entity_poly.pdbx_strand_id   A,B
#
# COMPACT_ATOMS: atom_id res chain seq x y z
N GLU A 3 -1.98 0.70 12.90
CA GLU A 3 -1.66 -0.58 12.19
C GLU A 3 -3.00 -1.17 11.69
N CYS A 4 -3.13 -1.39 10.41
CA CYS A 4 -4.46 -1.99 9.71
C CYS A 4 -4.15 -2.66 8.31
N SER A 5 -2.94 -3.15 8.21
CA SER A 5 -2.42 -3.80 7.03
C SER A 5 -2.64 -5.29 7.20
N GLY A 6 -2.82 -5.97 6.08
CA GLY A 6 -2.77 -7.43 6.07
C GLY A 6 -4.09 -8.13 6.45
N ASN A 7 -5.21 -7.41 6.37
CA ASN A 7 -6.48 -8.08 6.63
C ASN A 7 -6.74 -9.10 5.51
N LEU A 8 -7.35 -10.27 5.83
CA LEU A 8 -7.57 -11.31 4.85
C LEU A 8 -8.93 -11.85 5.08
N PHE A 9 -9.81 -11.78 4.08
CA PHE A 9 -11.16 -12.27 4.20
C PHE A 9 -11.49 -13.34 3.21
N THR A 10 -11.93 -14.49 3.74
CA THR A 10 -12.31 -15.60 2.95
C THR A 10 -13.82 -15.88 2.94
N GLN A 11 -14.54 -15.09 3.70
CA GLN A 11 -15.94 -15.13 3.69
C GLN A 11 -16.49 -14.37 2.45
N ARG A 12 -17.59 -14.86 1.84
CA ARG A 12 -18.15 -14.32 0.63
CA ARG A 12 -18.15 -14.33 0.61
C ARG A 12 -18.85 -12.97 0.74
N THR A 13 -19.13 -12.56 1.98
CA THR A 13 -19.82 -11.30 2.30
C THR A 13 -19.13 -10.59 3.41
N GLY A 14 -19.17 -9.24 3.38
CA GLY A 14 -18.72 -8.47 4.49
C GLY A 14 -18.82 -6.99 4.23
N THR A 15 -18.57 -6.23 5.28
CA THR A 15 -18.44 -4.80 5.22
C THR A 15 -17.12 -4.42 5.75
N ILE A 16 -16.48 -3.50 5.06
CA ILE A 16 -15.09 -3.03 5.38
C ILE A 16 -15.16 -1.52 5.51
N THR A 17 -14.51 -0.96 6.51
CA THR A 17 -14.41 0.46 6.67
C THR A 17 -13.01 0.93 6.90
N SER A 18 -12.76 2.18 6.67
CA SER A 18 -11.53 2.81 7.09
C SER A 18 -11.49 2.75 8.65
N PRO A 19 -10.28 2.78 9.23
CA PRO A 19 -10.22 2.76 10.68
C PRO A 19 -10.98 3.94 11.30
N ASP A 20 -11.79 3.63 12.31
CA ASP A 20 -12.54 4.58 13.08
C ASP A 20 -13.77 5.17 12.38
N TYR A 21 -14.04 4.74 11.16
CA TYR A 21 -15.20 5.23 10.45
C TYR A 21 -16.48 5.14 11.29
N PRO A 22 -17.36 6.21 11.27
CA PRO A 22 -17.32 7.42 10.45
C PRO A 22 -16.64 8.64 11.09
N ASN A 23 -15.85 8.37 12.13
CA ASN A 23 -14.99 9.40 12.68
C ASN A 23 -13.64 9.38 11.91
N PRO A 24 -12.85 10.47 12.01
CA PRO A 24 -11.73 10.63 11.13
C PRO A 24 -10.79 9.49 11.22
N TYR A 25 -10.28 9.09 10.06
CA TYR A 25 -9.27 8.04 10.01
C TYR A 25 -7.91 8.59 10.48
N PRO A 26 -7.04 7.67 10.95
CA PRO A 26 -5.76 8.11 11.50
C PRO A 26 -4.87 8.71 10.41
N LYS A 27 -4.01 9.58 10.89
CA LYS A 27 -2.91 10.05 10.03
C LYS A 27 -1.97 8.94 9.70
N SER A 28 -1.39 8.99 8.53
CA SER A 28 -0.33 8.08 8.13
C SER A 28 -0.79 6.62 8.10
N SER A 29 -2.03 6.43 7.70
CA SER A 29 -2.58 5.09 7.60
C SER A 29 -2.03 4.35 6.38
N GLU A 30 -1.76 3.04 6.54
CA GLU A 30 -1.52 2.14 5.43
C GLU A 30 -2.33 0.87 5.71
N CYS A 31 -3.54 0.82 5.14
CA CYS A 31 -4.40 -0.29 5.36
C CYS A 31 -4.45 -1.15 4.12
N SER A 32 -4.66 -2.45 4.32
CA SER A 32 -4.87 -3.31 3.17
C SER A 32 -5.83 -4.43 3.61
N TYR A 33 -6.68 -4.82 2.66
CA TYR A 33 -7.68 -5.82 2.88
C TYR A 33 -7.68 -6.68 1.61
N THR A 34 -7.48 -7.99 1.77
CA THR A 34 -7.49 -8.91 0.62
C THR A 34 -8.69 -9.79 0.78
N ILE A 35 -9.49 -9.91 -0.28
CA ILE A 35 -10.57 -10.89 -0.33
C ILE A 35 -10.12 -12.01 -1.21
N ASP A 36 -10.09 -13.20 -0.64
CA ASP A 36 -9.49 -14.41 -1.22
C ASP A 36 -10.50 -15.52 -1.27
N LEU A 37 -11.19 -15.62 -2.41
CA LEU A 37 -12.23 -16.62 -2.62
C LEU A 37 -11.74 -17.65 -3.67
N GLU A 38 -12.50 -18.76 -3.76
CA GLU A 38 -12.21 -19.81 -4.71
CA GLU A 38 -12.18 -19.78 -4.75
C GLU A 38 -12.45 -19.27 -6.16
N GLU A 39 -11.63 -19.71 -7.14
CA GLU A 39 -11.78 -19.30 -8.49
C GLU A 39 -13.16 -19.68 -8.95
N GLY A 40 -13.76 -18.77 -9.67
CA GLY A 40 -15.15 -18.84 -10.10
C GLY A 40 -16.06 -17.85 -9.42
N PHE A 41 -15.82 -17.56 -8.14
CA PHE A 41 -16.53 -16.48 -7.52
C PHE A 41 -16.10 -15.13 -8.12
N MET A 42 -17.05 -14.21 -8.17
CA MET A 42 -16.83 -12.87 -8.72
C MET A 42 -17.33 -11.84 -7.74
N VAL A 43 -16.39 -11.14 -7.11
CA VAL A 43 -16.73 -10.18 -6.07
C VAL A 43 -17.37 -8.91 -6.70
N THR A 44 -18.44 -8.46 -6.08
CA THR A 44 -19.04 -7.15 -6.39
C THR A 44 -18.92 -6.30 -5.13
N LEU A 45 -18.59 -5.01 -5.34
CA LEU A 45 -18.30 -4.06 -4.26
C LEU A 45 -19.21 -2.85 -4.37
N GLN A 46 -19.69 -2.28 -3.30
CA GLN A 46 -20.36 -0.98 -3.32
C GLN A 46 -19.96 -0.15 -2.15
N PHE A 47 -19.70 1.14 -2.38
CA PHE A 47 -19.50 2.07 -1.29
C PHE A 47 -20.88 2.48 -0.71
N GLU A 48 -20.90 2.70 0.59
CA GLU A 48 -22.08 2.96 1.32
C GLU A 48 -21.91 4.16 2.23
N ASP A 49 -23.01 4.90 2.42
CA ASP A 49 -23.07 5.95 3.41
CA ASP A 49 -23.04 5.97 3.45
C ASP A 49 -22.05 7.05 3.05
N ILE A 50 -21.57 7.82 4.03
CA ILE A 50 -20.64 8.88 3.79
C ILE A 50 -19.32 8.35 3.20
N PHE A 51 -18.89 9.00 2.13
CA PHE A 51 -17.59 8.79 1.54
C PHE A 51 -16.86 10.13 1.62
N ASP A 52 -15.74 10.22 2.35
CA ASP A 52 -15.06 11.48 2.59
C ASP A 52 -13.57 11.25 2.76
N ILE A 53 -12.80 11.42 1.69
CA ILE A 53 -11.36 11.26 1.72
C ILE A 53 -10.77 12.60 1.28
N GLU A 54 -9.72 13.07 1.96
CA GLU A 54 -9.12 14.37 1.59
C GLU A 54 -8.78 14.38 0.10
N ASP A 55 -8.92 15.52 -0.51
CA ASP A 55 -8.60 15.72 -1.89
C ASP A 55 -7.83 17.03 -2.10
N HIS A 56 -7.65 17.38 -3.39
CA HIS A 56 -6.89 18.60 -3.75
C HIS A 56 -7.61 19.17 -4.95
N PRO A 57 -7.60 20.52 -5.07
CA PRO A 57 -8.43 21.08 -6.11
C PRO A 57 -7.84 20.99 -7.52
N GLU A 58 -6.56 20.67 -7.65
CA GLU A 58 -5.88 20.62 -8.93
CA GLU A 58 -5.95 20.56 -8.97
C GLU A 58 -5.16 19.31 -9.24
N VAL A 59 -4.74 18.58 -8.23
CA VAL A 59 -3.95 17.37 -8.41
C VAL A 59 -4.86 16.19 -7.99
N PRO A 60 -4.90 15.07 -8.75
CA PRO A 60 -5.87 13.99 -8.41
C PRO A 60 -5.34 13.12 -7.22
N CYS A 61 -6.00 13.21 -6.12
CA CYS A 61 -5.78 12.39 -4.94
C CYS A 61 -4.30 12.29 -4.52
N PRO A 62 -3.70 13.43 -4.15
CA PRO A 62 -2.30 13.35 -3.76
C PRO A 62 -1.99 13.10 -2.29
N TYR A 63 -3.00 13.06 -1.47
CA TYR A 63 -2.87 12.98 -0.03
C TYR A 63 -3.27 11.62 0.51
N ASP A 64 -4.56 11.32 0.35
CA ASP A 64 -5.18 10.13 0.88
C ASP A 64 -6.01 9.51 -0.23
N TYR A 65 -6.16 8.19 -0.24
CA TYR A 65 -6.98 7.53 -1.27
C TYR A 65 -7.17 6.09 -0.97
N ILE A 66 -8.27 5.54 -1.54
CA ILE A 66 -8.49 4.11 -1.66
C ILE A 66 -8.24 3.70 -3.08
N LYS A 67 -7.64 2.55 -3.26
CA LYS A 67 -7.35 1.96 -4.58
C LYS A 67 -7.79 0.48 -4.48
N ILE A 68 -8.35 -0.08 -5.56
CA ILE A 68 -8.73 -1.49 -5.57
C ILE A 68 -8.03 -2.16 -6.74
N LYS A 69 -7.50 -3.34 -6.55
CA LYS A 69 -6.87 -4.08 -7.63
C LYS A 69 -7.48 -5.50 -7.70
N ALA A 70 -7.66 -6.02 -8.90
CA ALA A 70 -8.06 -7.41 -9.13
C ALA A 70 -7.43 -7.86 -10.43
N GLY A 71 -6.57 -8.84 -10.30
CA GLY A 71 -5.71 -9.22 -11.51
C GLY A 71 -4.95 -8.00 -12.00
N SER A 72 -5.17 -7.67 -13.26
CA SER A 72 -4.48 -6.53 -13.88
C SER A 72 -5.31 -5.25 -13.84
N LYS A 73 -6.53 -5.36 -13.31
CA LYS A 73 -7.43 -4.24 -13.30
C LYS A 73 -7.24 -3.42 -11.98
N VAL A 74 -7.30 -2.12 -12.14
CA VAL A 74 -7.21 -1.18 -11.02
C VAL A 74 -8.41 -0.23 -11.12
N TRP A 75 -8.97 0.04 -9.98
CA TRP A 75 -9.98 1.07 -9.80
C TRP A 75 -9.42 2.06 -8.79
N GLY A 76 -9.60 3.32 -9.12
CA GLY A 76 -9.06 4.40 -8.33
C GLY A 76 -7.66 4.76 -8.74
N PRO A 77 -6.97 5.50 -7.90
CA PRO A 77 -7.36 6.02 -6.62
C PRO A 77 -8.62 6.83 -6.62
N PHE A 78 -9.38 6.68 -5.54
CA PHE A 78 -10.60 7.49 -5.29
C PHE A 78 -10.35 8.34 -4.03
N CYS A 79 -10.85 9.58 -4.11
CA CYS A 79 -10.83 10.52 -3.00
C CYS A 79 -11.97 11.54 -3.15
N GLY A 80 -12.00 12.52 -2.27
CA GLY A 80 -13.07 13.46 -2.26
C GLY A 80 -14.30 12.99 -1.55
N GLU A 81 -15.39 13.67 -1.84
CA GLU A 81 -16.69 13.43 -1.22
C GLU A 81 -17.67 12.58 -2.07
N LYS A 82 -17.35 12.35 -3.35
CA LYS A 82 -18.25 11.54 -4.20
C LYS A 82 -18.04 10.06 -3.94
N SER A 83 -19.12 9.36 -3.76
CA SER A 83 -19.09 7.89 -3.56
C SER A 83 -18.73 7.22 -4.89
N PRO A 84 -17.65 6.43 -4.95
CA PRO A 84 -17.38 5.74 -6.22
C PRO A 84 -18.53 4.88 -6.63
N GLU A 85 -18.64 4.66 -7.91
CA GLU A 85 -19.69 3.78 -8.45
C GLU A 85 -19.40 2.33 -8.07
N PRO A 86 -20.42 1.48 -8.09
CA PRO A 86 -20.23 0.08 -7.73
C PRO A 86 -19.27 -0.61 -8.73
N ILE A 87 -18.57 -1.59 -8.24
CA ILE A 87 -17.54 -2.30 -8.99
C ILE A 87 -17.90 -3.78 -9.03
N SER A 88 -17.98 -4.28 -10.26
CA SER A 88 -18.15 -5.68 -10.51
CA SER A 88 -18.13 -5.68 -10.57
C SER A 88 -16.74 -6.14 -10.99
N THR A 89 -16.01 -6.72 -10.03
CA THR A 89 -14.56 -7.01 -10.22
C THR A 89 -14.31 -8.12 -11.22
N GLN A 90 -15.27 -9.01 -11.40
CA GLN A 90 -15.08 -10.22 -12.24
CA GLN A 90 -15.08 -10.23 -12.22
C GLN A 90 -13.93 -11.11 -11.74
N SER A 91 -13.65 -11.08 -10.44
CA SER A 91 -12.50 -11.79 -9.87
C SER A 91 -12.81 -12.36 -8.47
N HIS A 92 -12.05 -13.38 -8.08
CA HIS A 92 -12.14 -14.02 -6.80
C HIS A 92 -11.10 -13.52 -5.87
N SER A 93 -10.13 -12.71 -6.35
CA SER A 93 -9.01 -12.23 -5.57
C SER A 93 -8.86 -10.74 -5.70
N ILE A 94 -9.19 -10.01 -4.64
CA ILE A 94 -9.29 -8.54 -4.66
C ILE A 94 -8.37 -7.98 -3.58
N GLN A 95 -7.64 -6.90 -3.90
CA GLN A 95 -6.90 -6.14 -2.95
C GLN A 95 -7.45 -4.76 -2.82
N ILE A 96 -7.75 -4.36 -1.59
CA ILE A 96 -8.27 -2.98 -1.31
C ILE A 96 -7.17 -2.30 -0.45
N LEU A 97 -6.68 -1.18 -0.92
CA LEU A 97 -5.60 -0.43 -0.32
C LEU A 97 -6.09 0.92 0.08
N PHE A 98 -5.70 1.40 1.27
CA PHE A 98 -6.00 2.75 1.68
C PHE A 98 -4.78 3.35 2.30
N ARG A 99 -4.45 4.59 1.89
CA ARG A 99 -3.35 5.33 2.51
C ARG A 99 -3.84 6.72 2.88
N SER A 100 -3.25 7.25 3.94
CA SER A 100 -3.46 8.62 4.30
C SER A 100 -2.15 9.28 4.67
N ASP A 101 -2.09 10.60 4.46
CA ASP A 101 -0.94 11.38 4.79
C ASP A 101 -1.02 11.86 6.25
N ASN A 102 -0.15 12.81 6.62
CA ASN A 102 0.00 13.10 8.04
CA ASN A 102 -0.01 13.12 8.00
C ASN A 102 -0.84 14.26 8.55
N SER A 103 -1.86 14.69 7.81
CA SER A 103 -2.72 15.71 8.32
C SER A 103 -4.08 15.69 7.68
N GLY A 104 -4.98 16.48 8.24
CA GLY A 104 -6.33 16.57 7.72
C GLY A 104 -7.36 15.91 8.61
N GLU A 105 -8.63 16.12 8.29
CA GLU A 105 -9.70 15.53 9.01
C GLU A 105 -10.81 15.16 8.01
N ASN A 106 -11.03 13.86 7.82
CA ASN A 106 -12.00 13.35 6.88
C ASN A 106 -12.55 12.01 7.41
N ARG A 107 -13.83 11.75 7.15
CA ARG A 107 -14.50 10.66 7.79
C ARG A 107 -14.14 9.28 7.27
N GLY A 108 -13.71 9.15 6.00
CA GLY A 108 -13.35 7.91 5.42
C GLY A 108 -14.39 7.25 4.51
N TRP A 109 -14.42 5.94 4.61
CA TRP A 109 -15.22 5.16 3.67
C TRP A 109 -15.73 3.89 4.31
N ARG A 110 -16.80 3.40 3.69
CA ARG A 110 -17.44 2.11 4.02
CA ARG A 110 -17.42 2.13 4.03
C ARG A 110 -17.77 1.45 2.69
N LEU A 111 -17.43 0.18 2.56
CA LEU A 111 -17.89 -0.62 1.47
C LEU A 111 -18.42 -1.95 1.90
N SER A 112 -19.34 -2.48 1.15
CA SER A 112 -19.75 -3.88 1.31
CA SER A 112 -19.76 -3.86 1.37
C SER A 112 -19.42 -4.64 0.11
N TYR A 113 -19.17 -5.95 0.29
CA TYR A 113 -18.87 -6.82 -0.83
C TYR A 113 -19.72 -8.08 -0.71
N ARG A 114 -19.90 -8.70 -1.85
CA ARG A 114 -20.62 -9.95 -2.03
C ARG A 114 -20.05 -10.76 -3.15
N ALA A 115 -20.24 -12.07 -3.08
CA ALA A 115 -19.85 -12.99 -4.13
C ALA A 115 -20.74 -14.21 -3.98
N VAL B 2 -1.18 -13.36 -4.04
CA VAL B 2 -1.12 -12.31 -5.10
C VAL B 2 0.34 -11.92 -5.38
N GLU B 3 0.68 -11.75 -6.65
CA GLU B 3 2.02 -11.38 -7.04
C GLU B 3 2.55 -10.15 -6.25
N CYS B 4 3.74 -10.31 -5.73
CA CYS B 4 4.51 -9.27 -5.06
C CYS B 4 4.09 -9.03 -3.69
N SER B 5 3.03 -9.65 -3.24
CA SER B 5 2.57 -9.55 -1.87
CA SER B 5 2.58 -9.54 -1.91
C SER B 5 3.11 -10.66 -1.03
N GLY B 6 3.43 -10.39 0.18
CA GLY B 6 3.65 -11.41 1.14
C GLY B 6 5.04 -12.04 1.08
N ASN B 7 6.04 -11.33 0.55
CA ASN B 7 7.40 -11.88 0.56
C ASN B 7 7.90 -11.98 2.02
N LEU B 8 8.60 -13.08 2.34
CA LEU B 8 9.07 -13.37 3.69
C LEU B 8 10.54 -13.74 3.64
N PHE B 9 11.35 -13.01 4.41
CA PHE B 9 12.81 -13.18 4.47
C PHE B 9 13.15 -13.57 5.89
N THR B 10 13.83 -14.69 6.05
CA THR B 10 14.20 -15.21 7.37
C THR B 10 15.72 -15.34 7.52
N GLN B 11 16.48 -15.09 6.46
CA GLN B 11 17.93 -15.11 6.49
C GLN B 11 18.41 -13.77 7.03
N ARG B 12 19.48 -13.78 7.80
CA ARG B 12 20.02 -12.60 8.44
C ARG B 12 20.63 -11.58 7.50
N THR B 13 20.95 -12.00 6.27
CA THR B 13 21.56 -11.16 5.24
C THR B 13 20.77 -11.34 3.96
N GLY B 14 20.61 -10.24 3.21
CA GLY B 14 19.92 -10.34 1.94
C GLY B 14 19.84 -9.04 1.18
N THR B 15 19.27 -9.14 -0.02
CA THR B 15 19.01 -7.98 -0.84
C THR B 15 17.62 -8.11 -1.39
N ILE B 16 16.92 -7.00 -1.40
CA ILE B 16 15.55 -6.89 -1.87
C ILE B 16 15.52 -5.77 -2.89
N THR B 17 14.76 -5.96 -3.98
CA THR B 17 14.63 -4.92 -4.97
C THR B 17 13.17 -4.77 -5.38
N SER B 18 12.87 -3.66 -5.98
CA SER B 18 11.64 -3.45 -6.68
C SER B 18 11.57 -4.44 -7.85
N PRO B 19 10.36 -4.83 -8.25
CA PRO B 19 10.26 -5.78 -9.37
C PRO B 19 10.95 -5.18 -10.62
N ASP B 20 11.74 -6.03 -11.30
CA ASP B 20 12.41 -5.71 -12.53
C ASP B 20 13.59 -4.77 -12.43
N TYR B 21 13.95 -4.35 -11.21
CA TYR B 21 15.07 -3.45 -10.98
C TYR B 21 16.32 -3.98 -11.73
N PRO B 22 17.09 -3.11 -12.40
CA PRO B 22 17.04 -1.63 -12.46
C PRO B 22 16.26 -1.13 -13.65
N ASN B 23 15.46 -1.97 -14.30
CA ASN B 23 14.55 -1.50 -15.31
C ASN B 23 13.24 -1.05 -14.60
N PRO B 24 12.37 -0.30 -15.32
CA PRO B 24 11.24 0.32 -14.62
C PRO B 24 10.34 -0.68 -13.90
N TYR B 25 9.90 -0.30 -12.74
CA TYR B 25 8.98 -1.14 -11.96
C TYR B 25 7.61 -1.06 -12.65
N PRO B 26 6.77 -2.08 -12.41
CA PRO B 26 5.48 -2.15 -13.06
C PRO B 26 4.55 -1.03 -12.71
N LYS B 27 3.62 -0.77 -13.63
CA LYS B 27 2.46 0.05 -13.30
C LYS B 27 1.69 -0.58 -12.16
N SER B 28 1.22 0.26 -11.28
CA SER B 28 0.37 -0.15 -10.18
C SER B 28 1.00 -1.23 -9.35
N SER B 29 2.30 -1.08 -9.07
CA SER B 29 2.96 -1.98 -8.20
C SER B 29 2.32 -1.97 -6.80
N GLU B 30 2.28 -3.13 -6.16
CA GLU B 30 1.68 -3.27 -4.83
C GLU B 30 2.39 -4.39 -4.16
N CYS B 31 3.54 -4.08 -3.55
CA CYS B 31 4.48 -5.07 -3.07
C CYS B 31 4.67 -4.95 -1.55
N SER B 32 4.81 -6.09 -0.92
CA SER B 32 5.07 -6.12 0.50
C SER B 32 6.08 -7.16 0.83
N TYR B 33 6.91 -6.85 1.82
CA TYR B 33 8.01 -7.71 2.20
C TYR B 33 8.10 -7.68 3.71
N THR B 34 8.46 -8.80 4.30
CA THR B 34 8.69 -8.89 5.71
C THR B 34 9.98 -9.56 5.98
N ILE B 35 10.79 -8.98 6.86
CA ILE B 35 12.02 -9.61 7.37
C ILE B 35 11.69 -10.04 8.80
N ASP B 36 11.75 -11.34 9.05
CA ASP B 36 11.31 -11.91 10.30
CA ASP B 36 11.38 -11.84 10.35
C ASP B 36 12.49 -12.74 10.88
N LEU B 37 13.22 -12.22 11.84
CA LEU B 37 14.34 -12.86 12.45
C LEU B 37 14.07 -13.14 13.89
N GLU B 38 14.96 -13.86 14.52
CA GLU B 38 14.79 -14.19 15.99
C GLU B 38 14.91 -12.93 16.80
N GLU B 39 14.16 -12.86 17.89
CA GLU B 39 14.22 -11.70 18.79
C GLU B 39 15.66 -11.56 19.30
N GLY B 40 16.16 -10.34 19.34
CA GLY B 40 17.54 -10.09 19.65
C GLY B 40 18.32 -9.52 18.51
N PHE B 41 17.97 -9.99 17.31
CA PHE B 41 18.65 -9.49 16.13
C PHE B 41 18.09 -8.13 15.83
N MET B 42 18.94 -7.27 15.30
CA MET B 42 18.58 -5.87 14.97
C MET B 42 18.99 -5.60 13.50
N VAL B 43 17.96 -5.41 12.62
CA VAL B 43 18.25 -5.27 11.18
C VAL B 43 18.76 -3.84 10.90
N THR B 44 19.82 -3.73 10.10
CA THR B 44 20.25 -2.52 9.43
C THR B 44 19.94 -2.63 7.95
N LEU B 45 19.33 -1.59 7.41
CA LEU B 45 18.93 -1.57 5.98
C LEU B 45 19.69 -0.46 5.27
N GLN B 46 20.13 -0.73 4.06
CA GLN B 46 20.81 0.28 3.25
C GLN B 46 20.31 0.23 1.83
N PHE B 47 19.86 1.38 1.33
CA PHE B 47 19.59 1.50 -0.08
C PHE B 47 20.90 1.54 -0.84
N GLU B 48 20.95 0.82 -1.95
CA GLU B 48 22.16 0.64 -2.72
C GLU B 48 21.93 1.08 -4.14
N ASP B 49 23.00 1.56 -4.76
CA ASP B 49 23.00 1.80 -6.17
CA ASP B 49 22.99 1.84 -6.17
C ASP B 49 21.94 2.85 -6.55
N ILE B 50 21.40 2.80 -7.77
CA ILE B 50 20.42 3.77 -8.19
C ILE B 50 19.17 3.62 -7.33
N PHE B 51 18.65 4.73 -6.91
CA PHE B 51 17.37 4.86 -6.22
C PHE B 51 16.55 5.86 -7.07
N ASP B 52 15.44 5.40 -7.60
CA ASP B 52 14.64 6.25 -8.54
C ASP B 52 13.17 5.86 -8.47
N ILE B 53 12.43 6.55 -7.57
CA ILE B 53 10.98 6.34 -7.42
C ILE B 53 10.38 7.63 -7.89
N GLU B 54 9.32 7.56 -8.68
CA GLU B 54 8.67 8.76 -9.16
C GLU B 54 8.21 9.63 -7.99
N ASP B 55 8.46 10.94 -8.18
CA ASP B 55 8.00 11.93 -7.24
C ASP B 55 7.08 12.95 -7.90
N HIS B 56 6.75 14.01 -7.18
CA HIS B 56 5.79 14.98 -7.70
C HIS B 56 6.28 16.35 -7.26
N PRO B 57 6.10 17.35 -8.12
CA PRO B 57 6.72 18.62 -7.80
C PRO B 57 5.94 19.43 -6.80
N GLU B 58 4.69 19.04 -6.50
CA GLU B 58 3.86 19.90 -5.64
CA GLU B 58 3.82 19.86 -5.65
C GLU B 58 3.52 19.29 -4.27
N VAL B 59 3.66 17.95 -4.15
CA VAL B 59 3.27 17.27 -2.94
C VAL B 59 4.25 16.12 -2.73
N PRO B 60 4.41 15.70 -1.49
CA PRO B 60 5.41 14.69 -1.15
C PRO B 60 4.90 13.30 -1.48
N CYS B 61 5.64 12.58 -2.30
CA CYS B 61 5.49 11.13 -2.55
C CYS B 61 4.04 10.61 -2.56
N PRO B 62 3.23 11.18 -3.41
CA PRO B 62 1.79 10.80 -3.41
C PRO B 62 1.47 9.42 -3.87
N TYR B 63 2.20 8.97 -4.88
CA TYR B 63 1.73 7.85 -5.71
C TYR B 63 2.67 6.69 -5.78
N ASP B 64 3.98 6.98 -5.83
CA ASP B 64 4.98 5.96 -5.88
C ASP B 64 5.91 6.22 -4.71
N TYR B 65 6.12 5.18 -3.90
CA TYR B 65 6.89 5.38 -2.67
C TYR B 65 7.18 4.05 -2.01
N ILE B 66 8.19 4.08 -1.14
CA ILE B 66 8.50 2.99 -0.26
C ILE B 66 8.37 3.51 1.19
N LYS B 67 7.89 2.60 2.06
CA LYS B 67 7.83 2.82 3.50
C LYS B 67 8.42 1.57 4.18
N ILE B 68 9.02 1.78 5.35
CA ILE B 68 9.62 0.73 6.19
C ILE B 68 9.05 0.89 7.62
N LYS B 69 8.60 -0.18 8.20
CA LYS B 69 8.11 -0.17 9.55
C LYS B 69 8.84 -1.18 10.43
N ALA B 70 9.15 -0.77 11.67
CA ALA B 70 9.69 -1.65 12.71
C ALA B 70 9.10 -1.23 14.04
N GLY B 71 8.34 -2.10 14.64
CA GLY B 71 7.62 -1.75 15.88
C GLY B 71 6.63 -0.67 15.51
N SER B 72 6.57 0.41 16.29
CA SER B 72 5.64 1.49 16.00
C SER B 72 6.25 2.60 15.14
N LYS B 73 7.50 2.39 14.67
CA LYS B 73 8.22 3.39 13.92
C LYS B 73 8.12 3.14 12.41
N VAL B 74 7.75 4.21 11.66
CA VAL B 74 7.66 4.15 10.21
C VAL B 74 8.67 5.12 9.62
N TRP B 75 9.46 4.65 8.69
CA TRP B 75 10.37 5.48 7.91
C TRP B 75 9.76 5.61 6.50
N GLY B 76 9.74 6.85 6.03
CA GLY B 76 9.17 7.22 4.75
C GLY B 76 7.93 8.03 4.88
N PRO B 77 7.19 8.17 3.81
CA PRO B 77 7.44 7.64 2.48
C PRO B 77 8.70 8.26 1.88
N PHE B 78 9.43 7.42 1.13
CA PHE B 78 10.58 7.86 0.34
C PHE B 78 10.26 7.74 -1.13
N CYS B 79 10.72 8.73 -1.89
CA CYS B 79 10.60 8.75 -3.33
C CYS B 79 11.62 9.72 -3.90
N GLY B 80 11.61 9.93 -5.21
CA GLY B 80 12.60 10.73 -5.88
C GLY B 80 13.85 9.98 -6.16
N GLU B 81 14.91 10.75 -6.44
CA GLU B 81 16.20 10.18 -6.79
C GLU B 81 17.22 10.07 -5.70
N LYS B 82 16.97 10.68 -4.54
CA LYS B 82 17.97 10.69 -3.46
C LYS B 82 17.90 9.38 -2.72
N SER B 83 19.00 8.69 -2.53
CA SER B 83 18.99 7.48 -1.74
C SER B 83 18.74 7.78 -0.27
N PRO B 84 17.71 7.18 0.33
CA PRO B 84 17.50 7.40 1.78
C PRO B 84 18.75 7.01 2.57
N GLU B 85 18.90 7.61 3.74
CA GLU B 85 20.02 7.18 4.59
C GLU B 85 19.76 5.83 5.24
N PRO B 86 20.84 5.13 5.62
CA PRO B 86 20.63 3.77 6.13
C PRO B 86 19.82 3.84 7.42
N ILE B 87 19.12 2.78 7.67
CA ILE B 87 18.21 2.67 8.80
C ILE B 87 18.71 1.59 9.70
N SER B 88 18.94 1.97 10.93
CA SER B 88 19.23 1.03 12.04
C SER B 88 17.95 0.84 12.78
N THR B 89 17.27 -0.25 12.45
CA THR B 89 15.82 -0.45 12.81
C THR B 89 15.70 -0.81 14.24
N GLN B 90 16.77 -1.28 14.89
CA GLN B 90 16.65 -1.79 16.28
CA GLN B 90 16.67 -1.81 16.26
C GLN B 90 15.64 -2.92 16.48
N SER B 91 15.31 -3.68 15.42
CA SER B 91 14.23 -4.66 15.48
C SER B 91 14.59 -5.91 14.65
N HIS B 92 13.94 -6.99 15.03
CA HIS B 92 14.02 -8.27 14.38
C HIS B 92 12.90 -8.50 13.35
N SER B 93 11.89 -7.64 13.31
CA SER B 93 10.72 -7.81 12.42
C SER B 93 10.40 -6.53 11.71
N ILE B 94 10.67 -6.54 10.43
CA ILE B 94 10.58 -5.35 9.57
C ILE B 94 9.58 -5.57 8.45
N GLN B 95 8.72 -4.58 8.20
CA GLN B 95 7.75 -4.62 7.14
CA GLN B 95 7.76 -4.62 7.14
C GLN B 95 8.06 -3.53 6.14
N ILE B 96 8.01 -3.86 4.85
CA ILE B 96 8.33 -2.90 3.76
C ILE B 96 7.14 -2.93 2.81
N LEU B 97 6.75 -1.73 2.42
CA LEU B 97 5.65 -1.49 1.49
C LEU B 97 6.20 -0.68 0.28
N PHE B 98 5.92 -1.16 -0.94
CA PHE B 98 6.27 -0.37 -2.12
C PHE B 98 5.01 -0.35 -3.00
N ARG B 99 4.60 0.88 -3.39
CA ARG B 99 3.48 1.09 -4.23
C ARG B 99 3.77 2.05 -5.35
N SER B 100 3.06 1.88 -6.48
CA SER B 100 3.16 2.84 -7.55
C SER B 100 1.80 3.03 -8.22
N ASP B 101 1.76 4.07 -9.06
CA ASP B 101 0.60 4.42 -9.88
C ASP B 101 0.70 3.85 -11.25
N ASN B 102 -0.27 4.21 -12.09
CA ASN B 102 -0.43 3.59 -13.40
C ASN B 102 0.40 4.23 -14.55
N SER B 103 1.40 5.05 -14.28
CA SER B 103 2.15 5.69 -15.30
C SER B 103 3.60 5.92 -14.86
N GLY B 104 4.42 6.22 -15.85
CA GLY B 104 5.80 6.65 -15.64
C GLY B 104 6.79 5.55 -15.86
N GLU B 105 8.09 5.90 -15.85
CA GLU B 105 9.19 4.92 -15.99
C GLU B 105 10.23 5.44 -15.01
N ASN B 106 10.44 4.67 -13.97
CA ASN B 106 11.42 4.94 -12.94
C ASN B 106 12.04 3.59 -12.57
N ARG B 107 13.35 3.62 -12.25
CA ARG B 107 14.08 2.38 -12.09
C ARG B 107 13.84 1.60 -10.80
N GLY B 108 13.42 2.28 -9.74
CA GLY B 108 13.09 1.66 -8.49
C GLY B 108 14.21 1.72 -7.46
N TRP B 109 14.34 0.62 -6.76
CA TRP B 109 15.21 0.59 -5.59
C TRP B 109 15.78 -0.77 -5.31
N ARG B 110 16.93 -0.77 -4.64
CA ARG B 110 17.60 -1.95 -4.11
CA ARG B 110 17.59 -1.94 -4.12
C ARG B 110 18.00 -1.69 -2.70
N LEU B 111 17.72 -2.64 -1.81
CA LEU B 111 17.98 -2.52 -0.39
C LEU B 111 18.86 -3.75 -0.06
N SER B 112 19.93 -3.57 0.67
CA SER B 112 20.59 -4.72 1.32
C SER B 112 20.30 -4.62 2.82
N TYR B 113 20.28 -5.74 3.50
CA TYR B 113 20.08 -5.74 4.93
C TYR B 113 21.00 -6.75 5.59
N ARG B 114 21.31 -6.47 6.87
CA ARG B 114 22.14 -7.33 7.73
C ARG B 114 21.69 -7.24 9.13
N ALA B 115 21.80 -8.33 9.85
CA ALA B 115 21.49 -8.40 11.32
C ALA B 115 22.48 -9.35 11.88
#